data_4ZJW
#
_entry.id   4ZJW
#
_cell.length_a   125.586
_cell.length_b   56.313
_cell.length_c   79.517
_cell.angle_alpha   90.000
_cell.angle_beta   124.660
_cell.angle_gamma   90.000
#
_symmetry.space_group_name_H-M   'C 1 2 1'
#
loop_
_entity.id
_entity.type
_entity.pdbx_description
1 polymer 'Nuclear receptor ROR-gamma'
2 non-polymer 4-chloro-3-[1-(2-chloro-6-fluorobenzoyl)-1,2,3,4-tetrahydroquinolin-6-yl]-N-methylbenzamide
3 water water
#
_entity_poly.entity_id   1
_entity_poly.type   'polypeptide(L)'
_entity_poly.pdbx_seq_one_letter_code
;GSASLTEIEHLVQSVCKSYRETCQLRLEDLLRQRSNIFSREEVTGYQRKSMWEMWERCAHHLTEAIQYVVEFAKRLSGFM
ELCQNDQIVLLKAGAMEVVLVRMCRAYNADNRTVFFEGKYGGMELFRALGCSELISSIFDFSHSLSALHFSEDEIALYTA
LVLINAHRPGLQEKRKVEQLQYNLELAFHHHLCKTHRQSILAKLPPKGKLRSLCSQHVERLQIFQ
;
_entity_poly.pdbx_strand_id   A,B
#
# COMPACT_ATOMS: atom_id res chain seq x y z
N THR A 6 -20.68 -25.11 -24.94
CA THR A 6 -19.36 -25.83 -24.73
C THR A 6 -18.08 -25.04 -25.05
N GLU A 7 -18.18 -23.85 -25.65
CA GLU A 7 -17.15 -22.80 -25.48
C GLU A 7 -17.04 -22.43 -23.98
N ILE A 8 -18.19 -22.42 -23.32
CA ILE A 8 -18.32 -22.18 -21.90
C ILE A 8 -17.54 -23.21 -21.06
N GLU A 9 -17.66 -24.48 -21.42
CA GLU A 9 -16.96 -25.52 -20.69
C GLU A 9 -15.47 -25.51 -20.92
N HIS A 10 -15.07 -25.06 -22.10
CA HIS A 10 -13.65 -24.88 -22.41
C HIS A 10 -13.11 -23.73 -21.57
N LEU A 11 -13.92 -22.70 -21.33
CA LEU A 11 -13.57 -21.63 -20.39
C LEU A 11 -13.45 -22.12 -18.94
N VAL A 12 -14.37 -22.95 -18.51
CA VAL A 12 -14.29 -23.51 -17.16
C VAL A 12 -12.93 -24.18 -16.98
N GLN A 13 -12.55 -25.03 -17.93
CA GLN A 13 -11.30 -25.83 -17.83
C GLN A 13 -10.05 -24.95 -17.83
N SER A 14 -10.13 -23.90 -18.64
CA SER A 14 -9.08 -22.89 -18.77
C SER A 14 -8.83 -22.16 -17.44
N VAL A 15 -9.89 -21.65 -16.84
CA VAL A 15 -9.78 -20.95 -15.54
C VAL A 15 -9.23 -21.89 -14.44
N CYS A 16 -9.71 -23.14 -14.41
CA CYS A 16 -9.25 -24.09 -13.42
C CYS A 16 -7.76 -24.39 -13.60
N LYS A 17 -7.27 -24.53 -14.82
CA LYS A 17 -5.81 -24.72 -15.03
C LYS A 17 -4.93 -23.49 -14.61
N SER A 18 -5.37 -22.29 -14.95
CA SER A 18 -4.69 -21.06 -14.48
C SER A 18 -4.61 -20.93 -12.97
N TYR A 19 -5.67 -21.33 -12.30
CA TYR A 19 -5.64 -21.41 -10.84
C TYR A 19 -4.67 -22.46 -10.26
N ARG A 20 -4.72 -23.68 -10.81
CA ARG A 20 -3.85 -24.79 -10.38
C ARG A 20 -2.35 -24.53 -10.65
N GLU A 21 -2.04 -23.91 -11.77
CA GLU A 21 -0.69 -23.47 -12.05
C GLU A 21 -0.20 -22.36 -11.12
N THR A 22 -1.09 -21.57 -10.49
CA THR A 22 -0.67 -20.36 -9.77
C THR A 22 -0.88 -20.35 -8.29
N CYS A 23 -1.15 -21.49 -7.66
CA CYS A 23 -1.13 -21.51 -6.20
C CYS A 23 0.26 -21.38 -5.62
N GLN A 24 0.29 -20.69 -4.50
CA GLN A 24 1.49 -20.47 -3.74
C GLN A 24 1.81 -21.82 -3.08
N LEU A 25 0.78 -22.43 -2.51
CA LEU A 25 0.85 -23.66 -1.71
C LEU A 25 0.07 -24.80 -2.41
N ARG A 26 0.67 -25.97 -2.58
CA ARG A 26 -0.09 -27.11 -3.11
C ARG A 26 -1.07 -27.57 -2.01
N LEU A 27 -2.29 -27.85 -2.43
CA LEU A 27 -3.35 -28.26 -1.51
C LEU A 27 -2.92 -29.49 -0.73
N GLU A 28 -2.33 -30.46 -1.41
CA GLU A 28 -1.93 -31.71 -0.76
C GLU A 28 -0.79 -31.52 0.25
N ASP A 29 0.09 -30.56 -0.01
CA ASP A 29 1.06 -30.19 1.01
C ASP A 29 0.36 -29.59 2.23
N LEU A 30 -0.63 -28.72 2.02
CA LEU A 30 -1.38 -28.11 3.14
C LEU A 30 -2.12 -29.14 3.98
N LEU A 31 -2.68 -30.14 3.32
CA LEU A 31 -3.42 -31.19 4.01
C LEU A 31 -2.46 -32.10 4.78
N ARG A 32 -1.37 -32.51 4.13
CA ARG A 32 -0.26 -33.25 4.79
C ARG A 32 0.16 -32.67 6.14
N GLN A 33 0.28 -31.33 6.19
CA GLN A 33 0.80 -30.60 7.34
C GLN A 33 -0.21 -30.26 8.42
N ARG A 34 -1.44 -30.73 8.35
CA ARG A 34 -2.41 -30.39 9.40
C ARG A 34 -2.06 -30.95 10.77
N SER A 35 -1.35 -32.05 10.81
CA SER A 35 -0.91 -32.65 12.06
C SER A 35 0.24 -31.84 12.69
N ASN A 36 1.02 -31.16 11.87
CA ASN A 36 2.11 -30.30 12.28
C ASN A 36 1.65 -28.93 12.81
N ILE A 37 1.48 -28.86 14.13
CA ILE A 37 0.87 -27.71 14.83
C ILE A 37 1.90 -27.02 15.77
N PHE A 38 1.79 -25.70 15.93
CA PHE A 38 2.72 -24.97 16.80
C PHE A 38 2.55 -25.32 18.28
N SER A 39 3.66 -25.50 18.98
CA SER A 39 3.63 -25.72 20.44
C SER A 39 3.20 -24.44 21.16
N ARG A 40 2.78 -24.57 22.43
CA ARG A 40 2.48 -23.39 23.29
C ARG A 40 3.68 -22.42 23.30
N GLU A 41 4.90 -22.96 23.14
CA GLU A 41 6.09 -22.15 23.20
C GLU A 41 6.40 -21.42 21.91
N GLU A 42 6.12 -22.03 20.77
CA GLU A 42 6.30 -21.29 19.51
C GLU A 42 5.27 -20.14 19.46
N VAL A 43 4.03 -20.41 19.86
CA VAL A 43 3.01 -19.37 19.93
C VAL A 43 3.44 -18.21 20.82
N THR A 44 4.06 -18.52 21.95
CA THR A 44 4.62 -17.50 22.85
C THR A 44 5.80 -16.76 22.18
N GLY A 45 6.64 -17.50 21.46
CA GLY A 45 7.74 -16.93 20.70
C GLY A 45 7.26 -15.90 19.67
N TYR A 46 6.09 -16.16 19.05
CA TYR A 46 5.48 -15.21 18.16
C TYR A 46 4.75 -14.10 18.91
N GLN A 47 4.07 -14.40 20.02
CA GLN A 47 3.40 -13.36 20.80
C GLN A 47 4.36 -12.30 21.38
N ARG A 48 5.58 -12.73 21.65
CA ARG A 48 6.66 -11.90 22.17
C ARG A 48 7.28 -10.93 21.15
N LYS A 49 7.14 -11.21 19.87
CA LYS A 49 7.69 -10.31 18.87
C LYS A 49 7.02 -8.91 18.94
N SER A 50 7.80 -7.88 18.65
CA SER A 50 7.26 -6.53 18.60
C SER A 50 6.23 -6.43 17.47
N MET A 51 5.27 -5.51 17.60
CA MET A 51 4.34 -5.20 16.53
C MET A 51 5.02 -5.03 15.15
N TRP A 52 6.17 -4.34 15.12
CA TRP A 52 6.87 -4.01 13.89
C TRP A 52 7.30 -5.25 13.14
N GLU A 53 8.02 -6.11 13.83
CA GLU A 53 8.58 -7.34 13.20
C GLU A 53 7.50 -8.32 12.77
N MET A 54 6.38 -8.32 13.47
CA MET A 54 5.32 -9.22 13.17
C MET A 54 4.58 -8.72 11.92
N TRP A 55 4.36 -7.42 11.78
CA TRP A 55 3.84 -6.84 10.54
C TRP A 55 4.81 -7.04 9.39
N GLU A 56 6.10 -6.86 9.66
CA GLU A 56 7.12 -7.07 8.62
C GLU A 56 6.99 -8.49 8.05
N ARG A 57 6.96 -9.46 8.94
CA ARG A 57 6.71 -10.83 8.58
C ARG A 57 5.47 -10.99 7.74
N CYS A 58 4.37 -10.49 8.26
CA CYS A 58 3.09 -10.70 7.63
C CYS A 58 2.94 -9.95 6.31
N ALA A 59 3.51 -8.77 6.22
CA ALA A 59 3.42 -8.00 5.01
C ALA A 59 4.29 -8.63 3.93
N HIS A 60 5.45 -9.17 4.28
CA HIS A 60 6.23 -9.95 3.33
C HIS A 60 5.42 -11.12 2.74
N HIS A 61 4.76 -11.92 3.59
CA HIS A 61 4.03 -13.09 3.07
C HIS A 61 2.89 -12.66 2.16
N LEU A 62 2.35 -11.52 2.47
CA LEU A 62 1.20 -11.04 1.78
C LEU A 62 1.59 -10.52 0.38
N THR A 63 2.80 -9.99 0.27
CA THR A 63 3.34 -9.49 -0.99
C THR A 63 3.73 -10.58 -1.97
N GLU A 64 4.27 -11.67 -1.44
CA GLU A 64 4.49 -12.88 -2.22
C GLU A 64 3.12 -13.47 -2.64
N ALA A 65 2.15 -13.52 -1.73
CA ALA A 65 0.83 -14.06 -2.06
C ALA A 65 0.15 -13.26 -3.22
N ILE A 66 0.33 -11.94 -3.18
CA ILE A 66 -0.13 -11.02 -4.22
C ILE A 66 0.54 -11.32 -5.57
N GLN A 67 1.85 -11.57 -5.59
CA GLN A 67 2.52 -11.92 -6.85
C GLN A 67 1.93 -13.16 -7.50
N TYR A 68 1.47 -14.12 -6.69
CA TYR A 68 0.81 -15.31 -7.25
C TYR A 68 -0.54 -14.95 -7.85
N VAL A 69 -1.25 -13.99 -7.25
CA VAL A 69 -2.50 -13.52 -7.84
C VAL A 69 -2.33 -12.76 -9.20
N VAL A 70 -1.25 -11.99 -9.32
CA VAL A 70 -0.86 -11.34 -10.58
C VAL A 70 -0.59 -12.38 -11.64
N GLU A 71 0.12 -13.44 -11.28
CA GLU A 71 0.39 -14.49 -12.24
C GLU A 71 -0.89 -15.27 -12.59
N PHE A 72 -1.85 -15.33 -11.66
CA PHE A 72 -3.18 -15.87 -11.96
C PHE A 72 -3.92 -15.03 -12.99
N ALA A 73 -3.98 -13.73 -12.75
CA ALA A 73 -4.54 -12.81 -13.72
C ALA A 73 -3.92 -12.93 -15.13
N LYS A 74 -2.59 -12.91 -15.18
CA LYS A 74 -1.90 -13.01 -16.46
C LYS A 74 -2.27 -14.27 -17.26
N ARG A 75 -2.39 -15.42 -16.60
CA ARG A 75 -2.80 -16.65 -17.28
C ARG A 75 -4.28 -16.81 -17.54
N LEU A 76 -5.09 -15.89 -17.05
CA LEU A 76 -6.55 -15.89 -17.23
C LEU A 76 -7.02 -15.24 -18.56
N SER A 77 -7.70 -16.03 -19.38
CA SER A 77 -8.43 -15.63 -20.61
C SER A 77 -9.01 -14.23 -20.66
N GLY A 78 -8.67 -13.45 -21.68
CA GLY A 78 -9.21 -12.11 -21.85
C GLY A 78 -8.50 -11.08 -21.01
N PHE A 79 -7.96 -11.47 -19.85
CA PHE A 79 -7.45 -10.49 -18.87
C PHE A 79 -6.32 -9.72 -19.50
N MET A 80 -5.50 -10.45 -20.21
CA MET A 80 -4.32 -9.88 -20.76
C MET A 80 -4.64 -9.10 -22.03
N GLU A 81 -5.83 -9.25 -22.59
CA GLU A 81 -6.23 -8.37 -23.71
C GLU A 81 -6.95 -7.07 -23.26
N LEU A 82 -7.16 -6.91 -21.95
CA LEU A 82 -7.66 -5.66 -21.39
C LEU A 82 -6.56 -4.60 -21.50
N CYS A 83 -6.91 -3.32 -21.49
CA CYS A 83 -5.85 -2.31 -21.59
C CYS A 83 -5.08 -2.33 -20.30
N GLN A 84 -3.85 -1.87 -20.36
CA GLN A 84 -2.97 -1.86 -19.18
C GLN A 84 -3.54 -1.12 -17.98
N ASN A 85 -4.22 0.01 -18.23
CA ASN A 85 -4.82 0.75 -17.14
C ASN A 85 -5.77 -0.14 -16.34
N ASP A 86 -6.63 -0.85 -17.06
CA ASP A 86 -7.61 -1.71 -16.40
C ASP A 86 -7.02 -2.93 -15.78
N GLN A 87 -5.92 -3.45 -16.29
CA GLN A 87 -5.22 -4.58 -15.62
C GLN A 87 -4.80 -4.13 -14.22
N ILE A 88 -4.18 -2.96 -14.17
CA ILE A 88 -3.71 -2.40 -12.93
C ILE A 88 -4.83 -2.05 -12.00
N VAL A 89 -5.89 -1.44 -12.52
CA VAL A 89 -7.06 -1.12 -11.69
C VAL A 89 -7.68 -2.36 -11.00
N LEU A 90 -7.86 -3.42 -11.79
CA LEU A 90 -8.44 -4.65 -11.30
C LEU A 90 -7.58 -5.38 -10.24
N LEU A 91 -6.30 -5.47 -10.50
CA LEU A 91 -5.38 -6.06 -9.56
C LEU A 91 -5.20 -5.24 -8.29
N LYS A 92 -5.10 -3.93 -8.39
CA LYS A 92 -5.03 -3.07 -7.21
C LYS A 92 -6.27 -3.21 -6.36
N ALA A 93 -7.42 -3.29 -7.00
CA ALA A 93 -8.70 -3.41 -6.31
C ALA A 93 -8.96 -4.81 -5.72
N GLY A 94 -8.60 -5.85 -6.48
CA GLY A 94 -9.03 -7.22 -6.19
C GLY A 94 -7.99 -8.19 -5.63
N ALA A 95 -6.70 -7.86 -5.71
CA ALA A 95 -5.68 -8.86 -5.45
C ALA A 95 -5.64 -9.35 -4.01
N MET A 96 -5.82 -8.43 -3.06
CA MET A 96 -5.86 -8.74 -1.66
C MET A 96 -7.09 -9.61 -1.36
N GLU A 97 -8.17 -9.29 -2.03
CA GLU A 97 -9.41 -9.99 -1.83
C GLU A 97 -9.25 -11.42 -2.25
N VAL A 98 -8.53 -11.63 -3.35
CA VAL A 98 -8.33 -12.96 -3.87
C VAL A 98 -7.45 -13.74 -2.89
N VAL A 99 -6.40 -13.10 -2.40
CA VAL A 99 -5.53 -13.74 -1.41
C VAL A 99 -6.35 -14.19 -0.20
N LEU A 100 -7.23 -13.34 0.29
CA LEU A 100 -8.06 -13.69 1.40
C LEU A 100 -8.90 -14.95 1.09
N VAL A 101 -9.52 -14.97 -0.09
CA VAL A 101 -10.33 -16.09 -0.52
C VAL A 101 -9.46 -17.32 -0.66
N ARG A 102 -8.25 -17.18 -1.23
CA ARG A 102 -7.31 -18.30 -1.35
C ARG A 102 -6.82 -18.88 0.00
N MET A 103 -6.74 -18.04 1.04
CA MET A 103 -6.33 -18.54 2.36
C MET A 103 -7.27 -19.57 3.03
N CYS A 104 -8.53 -19.68 2.64
CA CYS A 104 -9.40 -20.68 3.22
C CYS A 104 -8.90 -22.12 2.99
N ARG A 105 -8.14 -22.35 1.93
CA ARG A 105 -7.53 -23.64 1.71
C ARG A 105 -6.41 -23.90 2.70
N ALA A 106 -5.79 -22.84 3.22
CA ALA A 106 -4.81 -22.95 4.27
C ALA A 106 -5.44 -23.03 5.66
N TYR A 107 -6.77 -23.12 5.74
CA TYR A 107 -7.47 -23.01 7.03
C TYR A 107 -8.04 -24.34 7.37
N ASN A 108 -7.86 -24.81 8.60
CA ASN A 108 -8.43 -26.10 9.05
C ASN A 108 -9.58 -25.82 10.00
N ALA A 109 -10.80 -26.02 9.52
CA ALA A 109 -11.99 -25.78 10.32
C ALA A 109 -12.15 -26.67 11.54
N ASP A 110 -11.48 -27.83 11.56
CA ASP A 110 -11.58 -28.80 12.69
C ASP A 110 -11.04 -28.27 14.01
N ASN A 111 -9.94 -27.53 13.96
CA ASN A 111 -9.35 -26.98 15.16
C ASN A 111 -9.15 -25.47 15.07
N ARG A 112 -9.72 -24.84 14.03
CA ARG A 112 -9.66 -23.40 13.80
C ARG A 112 -8.21 -22.88 13.72
N THR A 113 -7.40 -23.61 12.97
CA THR A 113 -6.02 -23.19 12.72
C THR A 113 -5.78 -22.82 11.27
N VAL A 114 -4.71 -22.08 11.07
CA VAL A 114 -4.31 -21.66 9.77
C VAL A 114 -2.82 -21.94 9.56
N PHE A 115 -2.47 -22.26 8.31
CA PHE A 115 -1.11 -22.59 7.98
C PHE A 115 -0.27 -21.31 7.94
N PHE A 116 0.87 -21.32 8.63
CA PHE A 116 1.69 -20.13 8.78
C PHE A 116 3.12 -20.51 9.09
N GLU A 117 4.01 -20.27 8.13
CA GLU A 117 5.43 -20.44 8.30
C GLU A 117 5.75 -21.84 8.76
N GLY A 118 5.29 -22.81 7.95
CA GLY A 118 5.59 -24.22 8.15
C GLY A 118 4.68 -25.04 9.06
N LYS A 119 3.85 -24.39 9.85
CA LYS A 119 2.94 -25.09 10.77
C LYS A 119 1.58 -24.39 10.93
N TYR A 120 0.64 -25.14 11.47
CA TYR A 120 -0.68 -24.65 11.72
C TYR A 120 -0.83 -24.06 13.09
N GLY A 121 -1.51 -22.92 13.19
CA GLY A 121 -1.72 -22.22 14.45
C GLY A 121 -3.03 -21.47 14.49
N GLY A 122 -3.44 -21.06 15.69
CA GLY A 122 -4.68 -20.35 15.87
C GLY A 122 -4.47 -18.88 15.79
N MET A 123 -5.54 -18.15 15.95
CA MET A 123 -5.53 -16.69 15.88
C MET A 123 -4.70 -16.01 16.99
N GLU A 124 -4.53 -16.67 18.13
CA GLU A 124 -3.68 -16.12 19.19
C GLU A 124 -2.18 -16.05 18.78
N LEU A 125 -1.80 -16.80 17.76
CA LEU A 125 -0.52 -16.62 17.09
C LEU A 125 -0.22 -15.16 16.66
N PHE A 126 -1.26 -14.45 16.24
CA PHE A 126 -1.07 -13.12 15.69
C PHE A 126 -1.33 -11.99 16.65
N ARG A 127 -1.10 -12.22 17.95
CA ARG A 127 -1.37 -11.24 19.00
C ARG A 127 -0.51 -9.99 18.85
N ALA A 128 0.76 -10.13 18.56
CA ALA A 128 1.66 -8.98 18.43
C ALA A 128 1.22 -7.98 17.38
N LEU A 129 0.52 -8.43 16.33
CA LEU A 129 -0.10 -7.47 15.41
C LEU A 129 -1.05 -6.65 16.24
N GLY A 130 -1.52 -5.54 15.74
CA GLY A 130 -2.30 -4.69 16.66
C GLY A 130 -3.79 -4.86 16.68
N CYS A 131 -4.33 -5.99 16.23
CA CYS A 131 -5.72 -5.96 15.73
C CYS A 131 -6.48 -7.27 15.85
N SER A 132 -6.87 -7.56 17.09
CA SER A 132 -7.58 -8.80 17.42
C SER A 132 -8.95 -8.84 16.76
N GLU A 133 -9.61 -7.68 16.63
CA GLU A 133 -10.90 -7.61 15.97
C GLU A 133 -10.81 -8.15 14.55
N LEU A 134 -9.76 -7.71 13.85
CA LEU A 134 -9.60 -7.97 12.45
C LEU A 134 -9.20 -9.40 12.24
N ILE A 135 -8.25 -9.87 13.04
CA ILE A 135 -7.84 -11.26 12.98
C ILE A 135 -9.06 -12.16 13.18
N SER A 136 -9.88 -11.84 14.19
CA SER A 136 -11.11 -12.62 14.50
C SER A 136 -12.02 -12.64 13.33
N SER A 137 -12.26 -11.46 12.77
CA SER A 137 -13.08 -11.33 11.55
C SER A 137 -12.55 -12.13 10.34
N ILE A 138 -11.22 -12.17 10.18
CA ILE A 138 -10.56 -12.91 9.08
C ILE A 138 -10.73 -14.41 9.29
N PHE A 139 -10.51 -14.85 10.53
CA PHE A 139 -10.74 -16.27 10.91
C PHE A 139 -12.18 -16.70 10.74
N ASP A 140 -13.14 -15.88 11.18
CA ASP A 140 -14.58 -16.17 11.08
C ASP A 140 -15.01 -16.32 9.63
N PHE A 141 -14.47 -15.46 8.77
CA PHE A 141 -14.68 -15.51 7.34
C PHE A 141 -14.07 -16.76 6.68
N SER A 142 -12.85 -17.12 7.04
CA SER A 142 -12.25 -18.32 6.47
C SER A 142 -13.03 -19.56 6.90
N HIS A 143 -13.49 -19.52 8.15
CA HIS A 143 -14.32 -20.56 8.71
C HIS A 143 -15.59 -20.75 7.89
N SER A 144 -16.22 -19.65 7.50
CA SER A 144 -17.42 -19.69 6.68
C SER A 144 -17.18 -20.11 5.25
N LEU A 145 -16.14 -19.57 4.65
CA LEU A 145 -15.76 -19.96 3.26
C LEU A 145 -15.30 -21.43 3.19
N SER A 146 -14.60 -21.92 4.21
CA SER A 146 -14.19 -23.33 4.23
C SER A 146 -15.41 -24.28 4.26
N ALA A 147 -16.52 -23.83 4.81
CA ALA A 147 -17.76 -24.63 4.89
C ALA A 147 -18.42 -24.94 3.59
N LEU A 148 -18.15 -24.15 2.55
CA LEU A 148 -18.64 -24.45 1.22
C LEU A 148 -17.96 -25.68 0.62
N HIS A 149 -16.83 -26.12 1.21
CA HIS A 149 -15.99 -27.17 0.63
C HIS A 149 -15.88 -26.98 -0.90
N PHE A 150 -15.36 -25.82 -1.29
CA PHE A 150 -15.22 -25.48 -2.71
C PHE A 150 -14.39 -26.53 -3.46
N SER A 151 -14.86 -27.02 -4.60
CA SER A 151 -13.93 -27.77 -5.46
C SER A 151 -12.85 -26.79 -5.97
N GLU A 152 -11.83 -27.32 -6.63
CA GLU A 152 -10.79 -26.48 -7.22
C GLU A 152 -11.32 -25.60 -8.35
N ASP A 153 -12.24 -26.15 -9.15
CA ASP A 153 -12.99 -25.43 -10.18
C ASP A 153 -13.74 -24.22 -9.66
N GLU A 154 -14.36 -24.42 -8.50
CA GLU A 154 -15.30 -23.45 -7.99
C GLU A 154 -14.53 -22.30 -7.46
N ILE A 155 -13.45 -22.59 -6.75
CA ILE A 155 -12.66 -21.53 -6.15
C ILE A 155 -11.87 -20.81 -7.24
N ALA A 156 -11.51 -21.51 -8.31
CA ALA A 156 -10.86 -20.85 -9.45
C ALA A 156 -11.79 -19.84 -10.12
N LEU A 157 -13.03 -20.25 -10.36
CA LEU A 157 -14.03 -19.37 -10.95
C LEU A 157 -14.49 -18.25 -10.04
N TYR A 158 -14.71 -18.57 -8.78
CA TYR A 158 -15.06 -17.54 -7.82
C TYR A 158 -14.00 -16.44 -7.68
N THR A 159 -12.74 -16.82 -7.63
CA THR A 159 -11.65 -15.86 -7.48
C THR A 159 -11.40 -15.06 -8.77
N ALA A 160 -11.60 -15.74 -9.91
CA ALA A 160 -11.65 -15.08 -11.19
C ALA A 160 -12.62 -13.93 -11.15
N LEU A 161 -13.83 -14.21 -10.63
CA LEU A 161 -14.88 -13.18 -10.49
C LEU A 161 -14.65 -12.14 -9.41
N VAL A 162 -13.95 -12.47 -8.34
CA VAL A 162 -13.54 -11.46 -7.34
C VAL A 162 -12.65 -10.40 -8.01
N LEU A 163 -11.80 -10.90 -8.91
CA LEU A 163 -10.88 -10.11 -9.70
C LEU A 163 -11.51 -9.33 -10.87
N ILE A 164 -12.26 -10.01 -11.72
CA ILE A 164 -12.84 -9.39 -12.89
C ILE A 164 -14.20 -8.86 -12.45
N ASN A 165 -14.14 -7.65 -11.88
CA ASN A 165 -15.28 -6.94 -11.36
C ASN A 165 -15.36 -5.60 -12.12
N ALA A 166 -16.44 -5.40 -12.86
CA ALA A 166 -16.56 -4.21 -13.73
C ALA A 166 -17.11 -2.95 -13.01
N HIS A 167 -17.37 -3.06 -11.71
CA HIS A 167 -17.71 -1.90 -10.88
C HIS A 167 -16.48 -1.23 -10.22
N ARG A 168 -15.26 -1.56 -10.63
CA ARG A 168 -14.10 -0.92 -10.00
C ARG A 168 -13.98 0.50 -10.52
N PRO A 169 -13.99 1.50 -9.61
CA PRO A 169 -13.77 2.87 -10.06
C PRO A 169 -12.43 2.96 -10.82
N GLY A 170 -12.45 3.61 -11.98
CA GLY A 170 -11.22 3.87 -12.73
C GLY A 170 -11.04 3.12 -14.04
N LEU A 171 -11.95 2.21 -14.40
CA LEU A 171 -11.78 1.48 -15.64
C LEU A 171 -12.13 2.34 -16.88
N GLN A 172 -11.26 2.31 -17.89
CA GLN A 172 -11.49 3.06 -19.12
C GLN A 172 -12.39 2.28 -20.05
N GLU A 173 -11.98 1.04 -20.34
CA GLU A 173 -12.73 0.16 -21.21
C GLU A 173 -13.75 -0.65 -20.42
N LYS A 174 -14.59 0.01 -19.64
CA LYS A 174 -15.68 -0.64 -18.88
C LYS A 174 -16.31 -1.82 -19.60
N ARG A 175 -16.78 -1.58 -20.82
CA ARG A 175 -17.54 -2.61 -21.54
C ARG A 175 -16.79 -3.91 -21.77
N LYS A 176 -15.50 -3.80 -22.03
CA LYS A 176 -14.65 -4.94 -22.39
C LYS A 176 -14.40 -5.84 -21.13
N VAL A 177 -14.44 -5.22 -19.95
CA VAL A 177 -14.34 -5.92 -18.68
C VAL A 177 -15.68 -6.56 -18.37
N GLU A 178 -16.78 -5.85 -18.69
CA GLU A 178 -18.14 -6.37 -18.50
C GLU A 178 -18.37 -7.67 -19.27
N GLN A 179 -17.87 -7.75 -20.50
CA GLN A 179 -18.03 -8.97 -21.30
C GLN A 179 -17.20 -10.09 -20.72
N LEU A 180 -16.03 -9.74 -20.17
CA LEU A 180 -15.19 -10.77 -19.58
C LEU A 180 -15.88 -11.28 -18.31
N GLN A 181 -16.44 -10.36 -17.53
CA GLN A 181 -17.14 -10.71 -16.33
C GLN A 181 -18.33 -11.60 -16.61
N TYR A 182 -19.15 -11.18 -17.58
CA TYR A 182 -20.35 -11.92 -18.01
C TYR A 182 -20.01 -13.33 -18.46
N ASN A 183 -18.95 -13.48 -19.26
CA ASN A 183 -18.53 -14.82 -19.65
C ASN A 183 -18.04 -15.67 -18.49
N LEU A 184 -17.40 -15.06 -17.51
CA LEU A 184 -16.98 -15.82 -16.32
C LEU A 184 -18.17 -16.23 -15.48
N GLU A 185 -19.09 -15.29 -15.25
CA GLU A 185 -20.38 -15.56 -14.62
C GLU A 185 -21.12 -16.71 -15.28
N LEU A 186 -21.30 -16.68 -16.60
CA LEU A 186 -21.96 -17.76 -17.31
C LEU A 186 -21.26 -19.11 -17.10
N ALA A 187 -19.95 -19.11 -17.10
CA ALA A 187 -19.15 -20.31 -16.87
C ALA A 187 -19.42 -20.90 -15.49
N PHE A 188 -19.42 -20.01 -14.51
CA PHE A 188 -19.64 -20.31 -13.11
C PHE A 188 -21.04 -20.86 -12.84
N HIS A 189 -22.07 -20.17 -13.31
CA HIS A 189 -23.45 -20.64 -13.10
C HIS A 189 -23.71 -21.96 -13.89
N HIS A 190 -23.13 -22.10 -15.09
CA HIS A 190 -23.24 -23.31 -15.86
C HIS A 190 -22.62 -24.46 -15.06
N HIS A 191 -21.41 -24.26 -14.54
CA HIS A 191 -20.73 -25.33 -13.84
C HIS A 191 -21.45 -25.72 -12.53
N LEU A 192 -21.95 -24.71 -11.80
CA LEU A 192 -22.73 -24.94 -10.60
C LEU A 192 -24.05 -25.62 -10.92
N CYS A 193 -24.73 -25.22 -11.99
CA CYS A 193 -26.01 -25.85 -12.37
C CYS A 193 -25.80 -27.33 -12.78
N LYS A 194 -24.75 -27.57 -13.54
CA LYS A 194 -24.38 -28.89 -14.04
C LYS A 194 -24.17 -29.89 -12.89
N THR A 195 -23.52 -29.43 -11.83
CA THR A 195 -23.20 -30.26 -10.66
C THR A 195 -24.18 -30.11 -9.51
N HIS A 196 -25.31 -29.44 -9.75
CA HIS A 196 -26.29 -29.09 -8.73
C HIS A 196 -25.70 -28.51 -7.43
N ARG A 197 -24.82 -27.55 -7.62
CA ARG A 197 -24.22 -26.75 -6.55
C ARG A 197 -24.74 -25.28 -6.49
N GLN A 198 -25.75 -24.95 -7.29
CA GLN A 198 -26.32 -23.59 -7.31
C GLN A 198 -26.55 -23.00 -5.93
N SER A 199 -27.02 -23.83 -5.01
CA SER A 199 -27.25 -23.39 -3.62
C SER A 199 -26.12 -22.62 -2.98
N ILE A 200 -24.86 -22.89 -3.33
CA ILE A 200 -23.75 -22.17 -2.71
C ILE A 200 -23.72 -20.71 -3.07
N LEU A 201 -24.38 -20.32 -4.15
CA LEU A 201 -24.44 -18.91 -4.56
C LEU A 201 -24.99 -18.02 -3.46
N ALA A 202 -26.09 -18.45 -2.85
CA ALA A 202 -26.70 -17.80 -1.67
C ALA A 202 -25.82 -17.76 -0.42
N LYS A 203 -24.83 -18.65 -0.31
CA LYS A 203 -23.86 -18.66 0.82
C LYS A 203 -22.52 -17.91 0.55
N LEU A 204 -22.30 -17.37 -0.65
CA LEU A 204 -21.09 -16.56 -0.88
C LEU A 204 -21.09 -15.26 -0.06
N PRO A 205 -19.91 -14.67 0.17
CA PRO A 205 -19.89 -13.42 0.93
C PRO A 205 -20.77 -12.35 0.28
N PRO A 206 -21.50 -11.55 1.11
CA PRO A 206 -22.35 -10.49 0.56
C PRO A 206 -21.55 -9.33 -0.02
N LYS A 207 -22.21 -8.58 -0.91
CA LYS A 207 -21.58 -7.43 -1.60
C LYS A 207 -20.97 -6.48 -0.57
N GLY A 208 -19.65 -6.38 -0.56
CA GLY A 208 -18.95 -5.44 0.32
C GLY A 208 -18.29 -6.07 1.53
N LYS A 209 -18.52 -7.36 1.74
CA LYS A 209 -17.88 -8.08 2.85
C LYS A 209 -16.36 -8.17 2.65
N LEU A 210 -15.94 -8.59 1.45
CA LEU A 210 -14.51 -8.73 1.11
C LEU A 210 -13.81 -7.39 1.19
N ARG A 211 -14.43 -6.34 0.64
CA ARG A 211 -13.88 -4.99 0.73
C ARG A 211 -13.64 -4.65 2.23
N SER A 212 -14.65 -4.78 3.07
CA SER A 212 -14.52 -4.39 4.48
C SER A 212 -13.43 -5.14 5.28
N LEU A 213 -13.05 -6.35 4.85
CA LEU A 213 -11.93 -7.08 5.47
C LEU A 213 -10.57 -6.58 4.99
N CYS A 214 -10.51 -6.21 3.71
CA CYS A 214 -9.26 -5.85 3.03
C CYS A 214 -8.96 -4.34 3.02
N SER A 215 -9.59 -3.58 3.91
CA SER A 215 -9.32 -2.16 4.03
C SER A 215 -8.84 -1.90 5.45
N GLN A 216 -9.69 -2.17 6.44
CA GLN A 216 -9.27 -2.08 7.84
C GLN A 216 -7.83 -2.64 7.91
N HIS A 217 -6.87 -1.76 8.27
CA HIS A 217 -5.45 -2.08 8.58
C HIS A 217 -4.45 -2.48 7.46
N VAL A 218 -4.91 -2.72 6.25
CA VAL A 218 -4.04 -3.27 5.20
C VAL A 218 -4.16 -2.34 4.00
N GLU A 219 -3.05 -1.65 3.73
CA GLU A 219 -2.90 -0.56 2.77
C GLU A 219 -1.87 0.34 3.40
N ARG A 220 -1.15 1.09 2.58
CA ARG A 220 0.05 1.79 2.99
C ARG A 220 1.02 0.91 3.79
N LEU A 221 1.19 -0.33 3.34
CA LEU A 221 2.16 -1.23 3.97
C LEU A 221 3.55 -1.02 3.41
N GLN A 222 3.71 0.00 2.56
CA GLN A 222 5.00 0.32 1.98
C GLN A 222 6.03 0.43 3.12
N ILE A 223 5.55 0.80 4.33
CA ILE A 223 6.45 0.99 5.49
C ILE A 223 7.18 -0.27 6.03
N PHE A 224 6.88 -1.47 5.50
CA PHE A 224 7.62 -2.71 5.81
C PHE A 224 8.22 -3.33 4.53
N SER B 4 10.95 24.73 28.48
CA SER B 4 12.37 25.10 28.83
C SER B 4 13.31 25.22 27.59
N LEU B 5 14.23 26.20 27.67
CA LEU B 5 15.10 26.61 26.55
C LEU B 5 15.89 25.42 26.05
N THR B 6 16.49 24.70 26.99
CA THR B 6 17.26 23.51 26.65
C THR B 6 16.41 22.37 26.05
N GLU B 7 15.15 22.24 26.47
CA GLU B 7 14.29 21.16 25.98
C GLU B 7 13.89 21.39 24.52
N ILE B 8 13.14 22.46 24.25
CA ILE B 8 12.65 22.75 22.90
C ILE B 8 13.84 22.90 21.91
N GLU B 9 14.94 23.49 22.38
CA GLU B 9 16.12 23.64 21.54
C GLU B 9 16.70 22.29 21.14
N HIS B 10 16.79 21.37 22.10
CA HIS B 10 17.23 20.02 21.79
C HIS B 10 16.32 19.38 20.70
N LEU B 11 15.01 19.60 20.86
CA LEU B 11 14.04 19.13 19.90
C LEU B 11 14.28 19.70 18.51
N VAL B 12 14.53 21.00 18.40
CA VAL B 12 14.82 21.61 17.10
C VAL B 12 16.05 20.98 16.47
N GLN B 13 17.10 20.75 17.25
CA GLN B 13 18.33 20.19 16.70
C GLN B 13 18.11 18.74 16.30
N SER B 14 17.33 18.03 17.10
CA SER B 14 17.00 16.64 16.80
C SER B 14 16.26 16.58 15.47
N VAL B 15 15.25 17.41 15.31
CA VAL B 15 14.53 17.41 14.04
C VAL B 15 15.47 17.84 12.92
N CYS B 16 16.25 18.89 13.11
CA CYS B 16 17.18 19.35 12.06
C CYS B 16 18.28 18.34 11.69
N LYS B 17 18.93 17.74 12.69
CA LYS B 17 19.94 16.72 12.40
C LYS B 17 19.31 15.49 11.72
N SER B 18 18.24 14.95 12.31
CA SER B 18 17.58 13.82 11.70
C SER B 18 17.24 14.07 10.22
N TYR B 19 16.82 15.28 9.86
CA TYR B 19 16.48 15.61 8.47
C TYR B 19 17.68 15.61 7.52
N ARG B 20 18.76 16.23 7.95
CA ARG B 20 19.99 16.21 7.17
C ARG B 20 20.48 14.77 6.93
N GLU B 21 20.46 13.98 7.99
CA GLU B 21 20.94 12.60 7.94
C GLU B 21 20.08 11.66 7.09
N THR B 22 18.80 12.01 6.92
CA THR B 22 17.87 11.11 6.25
C THR B 22 17.26 11.65 4.98
N CYS B 23 17.57 12.82 4.50
CA CYS B 23 17.12 13.09 3.12
C CYS B 23 18.00 12.22 2.19
N GLN B 24 17.40 11.59 1.20
CA GLN B 24 18.14 10.65 0.36
C GLN B 24 19.05 11.33 -0.63
N LEU B 25 18.64 12.54 -1.03
CA LEU B 25 19.28 13.34 -2.04
C LEU B 25 19.79 14.59 -1.32
N ARG B 26 21.11 14.79 -1.31
CA ARG B 26 21.68 16.01 -0.73
C ARG B 26 21.28 17.22 -1.61
N LEU B 27 20.94 18.33 -0.96
CA LEU B 27 20.41 19.56 -1.62
C LEU B 27 21.40 20.19 -2.60
N GLU B 28 22.68 20.20 -2.26
CA GLU B 28 23.66 20.86 -3.11
C GLU B 28 23.87 20.05 -4.40
N ASP B 29 23.74 18.72 -4.33
CA ASP B 29 23.74 17.89 -5.53
C ASP B 29 22.53 18.21 -6.39
N LEU B 30 21.38 18.40 -5.75
CA LEU B 30 20.18 18.80 -6.49
C LEU B 30 20.32 20.15 -7.22
N LEU B 31 21.02 21.12 -6.64
CA LEU B 31 21.13 22.44 -7.27
C LEU B 31 22.20 22.42 -8.36
N ARG B 32 23.28 21.66 -8.14
CA ARG B 32 24.33 21.40 -9.17
C ARG B 32 23.74 20.81 -10.43
N GLN B 33 22.86 19.83 -10.26
CA GLN B 33 22.23 19.17 -11.38
C GLN B 33 21.25 19.98 -12.22
N ARG B 34 20.84 21.17 -11.78
CA ARG B 34 19.79 21.94 -12.49
C ARG B 34 19.98 22.24 -13.99
N SER B 35 21.22 22.44 -14.42
CA SER B 35 21.51 22.55 -15.88
C SER B 35 21.40 21.21 -16.62
N ASN B 36 21.37 20.08 -15.89
CA ASN B 36 21.40 18.74 -16.46
C ASN B 36 19.96 18.21 -16.71
N ILE B 37 19.49 18.48 -17.93
CA ILE B 37 18.12 18.33 -18.36
C ILE B 37 17.99 17.23 -19.42
N PHE B 38 16.99 16.35 -19.24
CA PHE B 38 16.69 15.28 -20.19
C PHE B 38 16.49 15.81 -21.60
N SER B 39 17.12 15.11 -22.55
CA SER B 39 17.00 15.42 -23.97
C SER B 39 15.68 14.87 -24.45
N ARG B 40 15.18 15.47 -25.51
CA ARG B 40 13.98 15.01 -26.20
C ARG B 40 13.98 13.51 -26.36
N GLU B 41 15.13 12.95 -26.74
CA GLU B 41 15.27 11.50 -26.92
C GLU B 41 15.18 10.72 -25.61
N GLU B 42 15.71 11.26 -24.51
CA GLU B 42 15.52 10.63 -23.21
C GLU B 42 14.03 10.65 -22.77
N VAL B 43 13.35 11.74 -23.03
CA VAL B 43 11.96 11.87 -22.71
C VAL B 43 11.18 10.82 -23.47
N THR B 44 11.48 10.65 -24.75
CA THR B 44 10.81 9.64 -25.58
C THR B 44 11.02 8.23 -25.07
N GLY B 45 12.22 7.95 -24.57
CA GLY B 45 12.53 6.64 -24.01
C GLY B 45 11.63 6.28 -22.86
N TYR B 46 11.40 7.26 -21.98
CA TYR B 46 10.42 7.13 -20.91
C TYR B 46 8.99 7.09 -21.38
N GLN B 47 8.69 7.94 -22.33
CA GLN B 47 7.31 8.03 -22.81
C GLN B 47 6.80 6.77 -23.49
N ARG B 48 7.68 5.96 -24.07
CA ARG B 48 7.21 4.76 -24.77
C ARG B 48 7.29 3.49 -23.94
N LYS B 49 7.62 3.61 -22.67
CA LYS B 49 7.50 2.47 -21.77
C LYS B 49 6.02 2.19 -21.51
N SER B 50 5.75 0.96 -21.17
CA SER B 50 4.41 0.55 -20.85
C SER B 50 4.04 1.13 -19.49
N MET B 51 2.74 1.12 -19.20
CA MET B 51 2.20 1.66 -17.97
C MET B 51 2.71 0.85 -16.81
N TRP B 52 2.61 -0.48 -16.92
CA TRP B 52 3.24 -1.40 -15.96
C TRP B 52 4.69 -1.00 -15.66
N GLU B 53 5.53 -0.87 -16.68
CA GLU B 53 6.93 -0.64 -16.41
C GLU B 53 7.16 0.66 -15.68
N MET B 54 6.41 1.68 -16.06
CA MET B 54 6.67 2.99 -15.52
C MET B 54 6.20 3.05 -14.08
N TRP B 55 5.12 2.36 -13.77
CA TRP B 55 4.68 2.25 -12.38
C TRP B 55 5.65 1.43 -11.53
N GLU B 56 6.22 0.39 -12.09
CA GLU B 56 7.12 -0.45 -11.36
C GLU B 56 8.32 0.41 -10.95
N ARG B 57 8.79 1.22 -11.86
CA ARG B 57 9.95 2.03 -11.64
C ARG B 57 9.68 3.15 -10.61
N CYS B 58 8.52 3.77 -10.70
CA CYS B 58 8.17 4.87 -9.83
C CYS B 58 7.86 4.36 -8.43
N ALA B 59 7.15 3.24 -8.35
CA ALA B 59 6.87 2.60 -7.09
C ALA B 59 8.12 2.18 -6.29
N HIS B 60 9.21 1.80 -6.98
CA HIS B 60 10.47 1.48 -6.30
C HIS B 60 11.14 2.74 -5.72
N HIS B 61 11.07 3.88 -6.41
CA HIS B 61 11.62 5.13 -5.87
C HIS B 61 10.84 5.56 -4.65
N LEU B 62 9.54 5.59 -4.79
CA LEU B 62 8.64 5.94 -3.73
C LEU B 62 8.78 5.00 -2.53
N THR B 63 9.00 3.71 -2.75
CA THR B 63 9.29 2.80 -1.62
C THR B 63 10.57 3.16 -0.90
N GLU B 64 11.59 3.49 -1.69
CA GLU B 64 12.87 3.90 -1.12
C GLU B 64 12.69 5.20 -0.31
N ALA B 65 12.01 6.18 -0.90
CA ALA B 65 11.70 7.46 -0.23
C ALA B 65 10.98 7.25 1.09
N ILE B 66 9.99 6.36 1.09
CA ILE B 66 9.27 6.03 2.33
C ILE B 66 10.20 5.49 3.42
N GLN B 67 11.18 4.68 3.08
CA GLN B 67 12.08 4.11 4.07
C GLN B 67 12.96 5.16 4.72
N TYR B 68 13.25 6.22 3.96
CA TYR B 68 14.01 7.34 4.49
C TYR B 68 13.18 8.20 5.43
N VAL B 69 11.87 8.17 5.28
CA VAL B 69 10.93 8.86 6.20
C VAL B 69 10.80 8.10 7.50
N VAL B 70 10.70 6.77 7.42
CA VAL B 70 10.75 5.89 8.57
C VAL B 70 12.00 6.20 9.39
N GLU B 71 13.16 6.22 8.73
CA GLU B 71 14.40 6.60 9.39
C GLU B 71 14.40 8.00 9.97
N PHE B 72 13.71 8.92 9.31
CA PHE B 72 13.57 10.29 9.85
C PHE B 72 12.82 10.25 11.18
N ALA B 73 11.69 9.56 11.21
CA ALA B 73 10.89 9.43 12.45
C ALA B 73 11.69 8.71 13.57
N LYS B 74 12.47 7.70 13.23
CA LYS B 74 13.26 6.94 14.22
C LYS B 74 14.22 7.82 14.98
N ARG B 75 14.97 8.62 14.24
CA ARG B 75 15.97 9.52 14.83
C ARG B 75 15.35 10.79 15.46
N LEU B 76 14.03 10.91 15.50
CA LEU B 76 13.35 12.03 16.14
C LEU B 76 13.19 11.80 17.62
N SER B 77 13.73 12.72 18.39
CA SER B 77 13.57 12.73 19.85
C SER B 77 12.09 12.78 20.22
N GLY B 78 11.59 11.71 20.85
CA GLY B 78 10.20 11.64 21.27
C GLY B 78 9.38 10.63 20.49
N PHE B 79 9.78 10.29 19.27
CA PHE B 79 9.01 9.37 18.43
C PHE B 79 9.14 7.92 18.91
N MET B 80 10.36 7.55 19.28
CA MET B 80 10.63 6.16 19.67
C MET B 80 10.05 5.87 21.05
N GLU B 81 9.83 6.90 21.86
CA GLU B 81 9.16 6.72 23.12
C GLU B 81 7.65 6.50 22.94
N LEU B 82 7.11 6.70 21.75
CA LEU B 82 5.70 6.39 21.48
C LEU B 82 5.53 4.88 21.45
N CYS B 83 4.32 4.38 21.74
CA CYS B 83 4.08 2.92 21.64
C CYS B 83 4.05 2.49 20.19
N GLN B 84 4.48 1.26 19.93
CA GLN B 84 4.64 0.77 18.57
C GLN B 84 3.39 0.96 17.67
N ASN B 85 2.22 0.81 18.24
CA ASN B 85 0.97 1.05 17.51
C ASN B 85 0.93 2.43 16.91
N ASP B 86 1.28 3.41 17.72
CA ASP B 86 1.19 4.80 17.32
C ASP B 86 2.31 5.18 16.33
N GLN B 87 3.49 4.56 16.48
CA GLN B 87 4.55 4.70 15.50
C GLN B 87 4.03 4.31 14.11
N ILE B 88 3.43 3.13 14.04
CA ILE B 88 2.87 2.58 12.81
C ILE B 88 1.72 3.45 12.30
N VAL B 89 0.80 3.84 13.17
CA VAL B 89 -0.36 4.65 12.72
C VAL B 89 0.06 5.95 12.09
N LEU B 90 1.09 6.58 12.68
CA LEU B 90 1.60 7.86 12.23
C LEU B 90 2.34 7.78 10.91
N LEU B 91 3.28 6.84 10.82
CA LEU B 91 3.96 6.50 9.56
C LEU B 91 3.04 6.04 8.44
N LYS B 92 2.14 5.10 8.72
CA LYS B 92 1.16 4.70 7.71
C LYS B 92 0.40 5.89 7.22
N ALA B 93 0.02 6.78 8.13
CA ALA B 93 -0.83 7.89 7.75
C ALA B 93 -0.08 9.06 7.07
N GLY B 94 1.16 9.28 7.48
CA GLY B 94 1.90 10.48 7.10
C GLY B 94 3.12 10.30 6.22
N ALA B 95 3.58 9.08 5.98
CA ALA B 95 4.87 8.90 5.31
C ALA B 95 4.91 9.36 3.85
N MET B 96 3.87 9.09 3.09
CA MET B 96 3.77 9.57 1.71
C MET B 96 3.66 11.10 1.68
N GLU B 97 2.90 11.63 2.64
CA GLU B 97 2.69 13.06 2.76
C GLU B 97 4.03 13.77 2.96
N VAL B 98 4.89 13.18 3.76
CA VAL B 98 6.20 13.68 3.98
C VAL B 98 7.07 13.59 2.68
N VAL B 99 6.97 12.46 2.00
CA VAL B 99 7.67 12.30 0.73
C VAL B 99 7.29 13.39 -0.28
N LEU B 100 6.00 13.57 -0.45
CA LEU B 100 5.52 14.63 -1.29
C LEU B 100 6.07 15.98 -0.85
N VAL B 101 6.04 16.30 0.42
CA VAL B 101 6.59 17.57 0.84
C VAL B 101 8.12 17.67 0.56
N ARG B 102 8.87 16.60 0.80
CA ARG B 102 10.33 16.54 0.49
C ARG B 102 10.69 16.69 -1.01
N MET B 103 9.87 16.12 -1.88
CA MET B 103 9.96 16.35 -3.34
C MET B 103 10.15 17.83 -3.79
N CYS B 104 9.66 18.82 -3.03
CA CYS B 104 9.77 20.21 -3.46
C CYS B 104 11.18 20.76 -3.56
N ARG B 105 12.12 20.21 -2.80
CA ARG B 105 13.56 20.47 -2.96
C ARG B 105 14.13 20.03 -4.31
N ALA B 106 13.62 18.92 -4.84
CA ALA B 106 13.97 18.40 -6.16
C ALA B 106 13.17 19.06 -7.26
N TYR B 107 12.44 20.14 -6.99
CA TYR B 107 11.62 20.79 -8.01
C TYR B 107 12.21 22.14 -8.37
N ASN B 108 12.44 22.38 -9.67
CA ASN B 108 12.94 23.68 -10.19
C ASN B 108 11.80 24.50 -10.72
N ALA B 109 11.46 25.57 -10.00
CA ALA B 109 10.32 26.39 -10.40
C ALA B 109 10.60 27.31 -11.61
N ASP B 110 11.88 27.54 -11.94
CA ASP B 110 12.31 28.39 -13.09
C ASP B 110 11.96 27.78 -14.45
N ASN B 111 11.98 26.45 -14.54
CA ASN B 111 11.59 25.74 -15.77
C ASN B 111 10.54 24.64 -15.55
N ARG B 112 9.83 24.65 -14.41
CA ARG B 112 8.83 23.60 -14.06
C ARG B 112 9.36 22.17 -14.23
N THR B 113 10.58 21.89 -13.76
CA THR B 113 11.14 20.55 -13.88
C THR B 113 11.36 19.92 -12.55
N VAL B 114 11.57 18.61 -12.59
CA VAL B 114 11.84 17.83 -11.41
C VAL B 114 12.99 16.84 -11.65
N PHE B 115 13.76 16.62 -10.60
CA PHE B 115 14.89 15.71 -10.66
C PHE B 115 14.36 14.30 -10.64
N PHE B 116 14.90 13.46 -11.52
CA PHE B 116 14.38 12.12 -11.63
C PHE B 116 15.43 11.28 -12.30
N GLU B 117 15.94 10.30 -11.56
CA GLU B 117 16.96 9.37 -12.05
C GLU B 117 18.15 10.06 -12.72
N GLY B 118 18.72 11.07 -12.06
CA GLY B 118 19.97 11.68 -12.45
C GLY B 118 19.89 12.97 -13.19
N LYS B 119 18.74 13.27 -13.79
CA LYS B 119 18.54 14.55 -14.46
C LYS B 119 17.15 15.15 -14.27
N TYR B 120 17.03 16.41 -14.63
CA TYR B 120 15.80 17.16 -14.51
C TYR B 120 14.89 17.07 -15.73
N GLY B 121 13.61 16.78 -15.54
CA GLY B 121 12.63 16.76 -16.67
C GLY B 121 11.25 17.24 -16.26
N GLY B 122 10.41 17.65 -17.20
CA GLY B 122 9.04 18.12 -16.90
C GLY B 122 8.02 17.01 -16.71
N MET B 123 6.77 17.39 -16.57
CA MET B 123 5.73 16.39 -16.30
C MET B 123 5.54 15.40 -17.45
N GLU B 124 5.76 15.84 -18.68
CA GLU B 124 5.68 14.94 -19.86
C GLU B 124 6.53 13.68 -19.78
N LEU B 125 7.60 13.75 -19.01
CA LEU B 125 8.41 12.61 -18.68
C LEU B 125 7.56 11.42 -18.13
N PHE B 126 6.42 11.71 -17.50
CA PHE B 126 5.65 10.69 -16.78
C PHE B 126 4.37 10.30 -17.49
N ARG B 127 4.30 10.56 -18.77
CA ARG B 127 3.17 10.20 -19.60
C ARG B 127 2.75 8.76 -19.53
N ALA B 128 3.72 7.87 -19.45
CA ALA B 128 3.41 6.43 -19.46
C ALA B 128 2.58 6.01 -18.25
N LEU B 129 2.67 6.73 -17.15
CA LEU B 129 1.78 6.46 -16.01
C LEU B 129 0.41 6.82 -16.52
N GLY B 130 -0.60 6.40 -15.85
CA GLY B 130 -1.88 6.66 -16.51
C GLY B 130 -2.56 7.95 -16.18
N CYS B 131 -1.86 8.99 -15.71
CA CYS B 131 -2.54 9.94 -14.83
C CYS B 131 -2.00 11.36 -14.85
N SER B 132 -2.29 12.02 -15.95
CA SER B 132 -1.84 13.35 -16.21
C SER B 132 -2.38 14.37 -15.24
N GLU B 133 -3.60 14.15 -14.76
CA GLU B 133 -4.27 15.07 -13.87
C GLU B 133 -3.51 15.05 -12.57
N LEU B 134 -3.31 13.84 -12.04
CA LEU B 134 -2.53 13.63 -10.83
C LEU B 134 -1.14 14.24 -10.86
N ILE B 135 -0.42 14.00 -11.97
CA ILE B 135 0.93 14.55 -12.13
C ILE B 135 0.90 16.06 -12.15
N SER B 136 -0.02 16.64 -12.90
CA SER B 136 -0.21 18.10 -12.93
C SER B 136 -0.44 18.71 -11.59
N SER B 137 -1.33 18.10 -10.82
CA SER B 137 -1.55 18.50 -9.43
C SER B 137 -0.32 18.41 -8.52
N ILE B 138 0.49 17.38 -8.68
CA ILE B 138 1.70 17.21 -7.87
C ILE B 138 2.75 18.25 -8.24
N PHE B 139 2.86 18.55 -9.54
CA PHE B 139 3.72 19.61 -10.00
C PHE B 139 3.23 20.94 -9.49
N ASP B 140 1.92 21.21 -9.59
CA ASP B 140 1.33 22.43 -9.03
C ASP B 140 1.62 22.64 -7.54
N PHE B 141 1.38 21.60 -6.78
CA PHE B 141 1.66 21.59 -5.36
C PHE B 141 3.13 21.84 -5.04
N SER B 142 4.05 21.23 -5.78
CA SER B 142 5.47 21.45 -5.55
C SER B 142 5.94 22.89 -5.90
N HIS B 143 5.45 23.38 -7.02
CA HIS B 143 5.62 24.75 -7.41
C HIS B 143 5.22 25.76 -6.32
N SER B 144 4.07 25.51 -5.71
CA SER B 144 3.60 26.40 -4.67
C SER B 144 4.43 26.20 -3.42
N LEU B 145 4.72 24.97 -3.10
CA LEU B 145 5.63 24.72 -1.97
C LEU B 145 7.01 25.38 -2.18
N SER B 146 7.55 25.24 -3.39
CA SER B 146 8.85 25.84 -3.69
C SER B 146 8.81 27.36 -3.47
N ALA B 147 7.67 28.02 -3.64
CA ALA B 147 7.56 29.48 -3.46
C ALA B 147 7.77 30.02 -2.01
N LEU B 148 7.71 29.14 -1.03
CA LEU B 148 8.10 29.46 0.32
C LEU B 148 9.59 29.58 0.54
N HIS B 149 10.42 28.99 -0.36
CA HIS B 149 11.87 29.00 -0.20
C HIS B 149 12.23 28.60 1.23
N PHE B 150 11.82 27.39 1.60
CA PHE B 150 12.08 26.88 2.96
C PHE B 150 13.57 26.83 3.16
N SER B 151 14.09 27.22 4.34
CA SER B 151 15.39 26.71 4.79
C SER B 151 15.31 25.23 5.10
N GLU B 152 16.47 24.59 5.25
CA GLU B 152 16.47 23.19 5.68
C GLU B 152 15.81 22.99 7.06
N ASP B 153 16.01 23.90 8.01
CA ASP B 153 15.34 23.87 9.32
C ASP B 153 13.82 23.93 9.23
N GLU B 154 13.29 24.81 8.38
CA GLU B 154 11.86 24.97 8.26
C GLU B 154 11.16 23.75 7.71
N ILE B 155 11.74 23.21 6.65
CA ILE B 155 11.17 22.04 6.05
C ILE B 155 11.36 20.82 6.98
N ALA B 156 12.46 20.73 7.72
CA ALA B 156 12.57 19.65 8.72
C ALA B 156 11.47 19.72 9.79
N LEU B 157 11.20 20.91 10.28
CA LEU B 157 10.16 21.08 11.31
C LEU B 157 8.74 20.89 10.78
N TYR B 158 8.45 21.46 9.61
CA TYR B 158 7.17 21.27 8.95
C TYR B 158 6.84 19.81 8.67
N THR B 159 7.82 19.04 8.24
CA THR B 159 7.58 17.64 7.96
C THR B 159 7.44 16.89 9.25
N ALA B 160 8.19 17.27 10.27
CA ALA B 160 7.95 16.62 11.57
C ALA B 160 6.43 16.74 11.94
N LEU B 161 5.85 17.93 11.68
CA LEU B 161 4.46 18.21 11.98
C LEU B 161 3.48 17.48 11.12
N VAL B 162 3.81 17.27 9.86
CA VAL B 162 3.00 16.43 8.98
C VAL B 162 2.89 15.01 9.51
N LEU B 163 3.98 14.54 10.07
CA LEU B 163 4.02 13.24 10.61
C LEU B 163 3.36 13.08 12.00
N ILE B 164 3.64 14.01 12.92
CA ILE B 164 3.24 13.90 14.34
C ILE B 164 1.97 14.68 14.52
N ASN B 165 0.88 14.03 14.20
CA ASN B 165 -0.41 14.66 14.09
C ASN B 165 -1.36 13.82 14.94
N ALA B 166 -1.92 14.46 15.97
CA ALA B 166 -2.69 13.77 17.02
C ALA B 166 -4.13 13.47 16.62
N HIS B 167 -4.56 13.96 15.45
CA HIS B 167 -5.89 13.66 14.89
C HIS B 167 -5.91 12.41 14.01
N ARG B 168 -4.86 11.59 14.04
CA ARG B 168 -4.85 10.38 13.22
C ARG B 168 -5.71 9.34 13.90
N PRO B 169 -6.77 8.88 13.21
CA PRO B 169 -7.53 7.74 13.73
C PRO B 169 -6.68 6.52 14.01
N GLY B 170 -6.87 5.93 15.17
CA GLY B 170 -6.22 4.66 15.51
C GLY B 170 -5.18 4.73 16.58
N LEU B 171 -4.99 5.88 17.21
CA LEU B 171 -3.91 6.02 18.18
C LEU B 171 -4.43 5.52 19.50
N GLN B 172 -3.53 4.95 20.27
CA GLN B 172 -3.88 4.48 21.56
C GLN B 172 -3.49 5.48 22.65
N GLU B 173 -2.21 5.80 22.73
CA GLU B 173 -1.66 6.83 23.64
C GLU B 173 -1.80 8.28 23.05
N LYS B 174 -3.00 8.67 22.64
CA LYS B 174 -3.18 9.96 21.93
C LYS B 174 -2.54 11.22 22.60
N ARG B 175 -2.61 11.33 23.92
CA ARG B 175 -2.02 12.48 24.62
C ARG B 175 -0.48 12.48 24.58
N LYS B 176 0.17 11.34 24.35
CA LYS B 176 1.65 11.33 24.24
C LYS B 176 2.16 11.96 22.92
N VAL B 177 1.28 12.03 21.93
CA VAL B 177 1.53 12.51 20.57
C VAL B 177 1.03 13.94 20.46
N GLU B 178 -0.05 14.25 21.17
CA GLU B 178 -0.48 15.63 21.37
C GLU B 178 0.66 16.44 22.01
N GLN B 179 1.31 15.88 23.01
CA GLN B 179 2.39 16.59 23.71
C GLN B 179 3.58 16.82 22.78
N LEU B 180 4.01 15.76 22.13
CA LEU B 180 5.03 15.83 21.10
C LEU B 180 4.62 16.80 19.97
N GLN B 181 3.34 16.83 19.60
CA GLN B 181 2.92 17.70 18.54
C GLN B 181 2.99 19.16 18.97
N TYR B 182 2.42 19.42 20.13
CA TYR B 182 2.40 20.75 20.73
C TYR B 182 3.80 21.29 20.96
N ASN B 183 4.70 20.45 21.42
CA ASN B 183 6.11 20.87 21.53
C ASN B 183 6.78 21.28 20.19
N LEU B 184 6.48 20.53 19.13
CA LEU B 184 6.96 20.82 17.78
C LEU B 184 6.29 22.07 17.23
N GLU B 185 5.01 22.22 17.52
CA GLU B 185 4.29 23.43 17.18
C GLU B 185 4.91 24.65 17.85
N LEU B 186 5.27 24.51 19.14
CA LEU B 186 5.92 25.61 19.86
C LEU B 186 7.29 25.91 19.26
N ALA B 187 7.98 24.85 18.84
CA ALA B 187 9.31 24.99 18.28
C ALA B 187 9.24 25.68 16.92
N PHE B 188 8.28 25.27 16.10
CA PHE B 188 8.10 25.80 14.76
C PHE B 188 7.73 27.28 14.78
N HIS B 189 6.71 27.59 15.58
CA HIS B 189 6.22 28.97 15.67
C HIS B 189 7.20 29.96 16.27
N HIS B 190 7.89 29.57 17.32
CA HIS B 190 8.92 30.43 17.91
C HIS B 190 10.09 30.61 16.92
N HIS B 191 10.48 29.54 16.24
CA HIS B 191 11.55 29.59 15.24
C HIS B 191 11.21 30.52 14.07
N LEU B 192 10.03 30.38 13.51
CA LEU B 192 9.61 31.28 12.47
C LEU B 192 9.50 32.71 12.95
N CYS B 193 8.87 32.92 14.12
CA CYS B 193 8.59 34.26 14.63
C CYS B 193 9.96 34.96 15.02
N LYS B 194 10.90 34.22 15.57
CA LYS B 194 12.22 34.80 15.89
C LYS B 194 13.06 35.17 14.64
N THR B 195 12.86 34.46 13.53
CA THR B 195 13.55 34.75 12.26
C THR B 195 12.73 35.55 11.26
N HIS B 196 11.59 36.05 11.69
CA HIS B 196 10.80 36.96 10.90
C HIS B 196 10.15 36.25 9.69
N ARG B 197 9.99 34.93 9.79
CA ARG B 197 9.45 34.12 8.72
C ARG B 197 8.02 33.70 8.99
N GLN B 198 7.39 34.23 10.02
CA GLN B 198 5.93 34.00 10.29
C GLN B 198 5.04 33.93 9.07
N SER B 199 5.24 34.86 8.15
CA SER B 199 4.37 34.99 6.99
C SER B 199 4.28 33.74 6.10
N ILE B 200 5.15 32.75 6.27
CA ILE B 200 4.97 31.50 5.52
C ILE B 200 3.87 30.58 6.03
N LEU B 201 3.38 30.80 7.26
CA LEU B 201 2.29 29.94 7.82
C LEU B 201 1.02 30.07 7.04
N ALA B 202 0.71 31.30 6.71
CA ALA B 202 -0.36 31.70 5.81
C ALA B 202 -0.34 31.03 4.42
N LYS B 203 0.84 30.70 3.91
CA LYS B 203 1.00 30.13 2.58
C LYS B 203 1.18 28.62 2.56
N LEU B 204 1.15 27.96 3.72
CA LEU B 204 1.27 26.49 3.78
C LEU B 204 0.04 25.86 3.17
N PRO B 205 0.12 24.57 2.74
CA PRO B 205 -1.07 23.93 2.17
C PRO B 205 -2.20 23.78 3.19
N PRO B 206 -3.46 23.93 2.76
CA PRO B 206 -4.55 23.86 3.73
C PRO B 206 -4.71 22.46 4.31
N LYS B 207 -5.45 22.35 5.42
CA LYS B 207 -5.71 21.04 6.01
C LYS B 207 -6.51 20.26 4.98
N GLY B 208 -5.93 19.14 4.54
CA GLY B 208 -6.58 18.23 3.61
C GLY B 208 -6.04 18.23 2.20
N LYS B 209 -5.29 19.25 1.80
CA LYS B 209 -4.67 19.29 0.45
C LYS B 209 -3.64 18.16 0.26
N LEU B 210 -2.78 17.99 1.25
CA LEU B 210 -1.83 16.87 1.29
C LEU B 210 -2.50 15.50 1.28
N ARG B 211 -3.50 15.32 2.14
CA ARG B 211 -4.28 14.07 2.19
C ARG B 211 -4.90 13.74 0.85
N SER B 212 -5.51 14.74 0.21
CA SER B 212 -6.25 14.51 -1.05
C SER B 212 -5.30 14.01 -2.13
N LEU B 213 -4.14 14.66 -2.28
CA LEU B 213 -3.08 14.22 -3.21
C LEU B 213 -2.50 12.83 -2.88
N CYS B 214 -2.33 12.49 -1.61
CA CYS B 214 -1.76 11.20 -1.18
C CYS B 214 -2.89 10.28 -0.80
N SER B 215 -3.55 9.84 -1.84
CA SER B 215 -4.77 9.06 -1.74
C SER B 215 -5.19 8.47 -3.08
N GLN B 216 -4.96 9.26 -4.12
CA GLN B 216 -5.24 8.93 -5.51
C GLN B 216 -4.16 8.14 -6.27
N HIS B 217 -4.34 6.83 -6.44
CA HIS B 217 -3.41 5.99 -7.19
C HIS B 217 -2.17 5.48 -6.44
N VAL B 218 -1.94 5.88 -5.19
CA VAL B 218 -0.68 5.54 -4.51
C VAL B 218 -0.99 4.80 -3.20
N GLU B 219 -2.09 4.06 -3.24
CA GLU B 219 -2.34 3.00 -2.30
C GLU B 219 -2.45 1.73 -3.16
N ARG B 220 -2.17 0.58 -2.53
CA ARG B 220 -2.20 -0.75 -3.16
C ARG B 220 -1.10 -0.97 -4.22
N LEU B 221 0.13 -0.61 -3.86
CA LEU B 221 1.25 -0.71 -4.79
C LEU B 221 2.04 -2.03 -4.70
N GLN B 222 1.49 -3.01 -3.99
CA GLN B 222 2.15 -4.32 -3.73
C GLN B 222 2.22 -5.19 -5.00
N ILE B 223 1.34 -4.92 -5.95
CA ILE B 223 1.38 -5.56 -7.27
C ILE B 223 2.69 -5.30 -8.04
N PHE B 224 3.43 -4.25 -7.65
CA PHE B 224 4.69 -3.87 -8.29
C PHE B 224 5.96 -4.40 -7.61
N GLN B 225 5.84 -5.03 -6.43
CA GLN B 225 7.00 -5.39 -5.58
C GLN B 225 7.34 -6.87 -5.73
#